data_4KTX
#
_entry.id   4KTX
#
_cell.length_a   65.410
_cell.length_b   65.410
_cell.length_c   200.970
_cell.angle_alpha   90.00
_cell.angle_beta   90.00
_cell.angle_gamma   90.00
#
_symmetry.space_group_name_H-M   'P 43 21 2'
#
loop_
_entity.id
_entity.type
_entity.pdbx_description
1 polymer 'Botulinum neurotoxin A light chain'
2 polymer 'Peptide inhibitor MPT-DPP-ARG-G-LEU-NH2'
3 non-polymer 'ZINC ION'
4 non-polymer S-1,2-PROPANEDIOL
5 non-polymer 'SULFATE ION'
6 non-polymer GLYCEROL
7 water water
#
loop_
_entity_poly.entity_id
_entity_poly.type
_entity_poly.pdbx_seq_one_letter_code
_entity_poly.pdbx_strand_id
1 'polypeptide(L)'
;MGSSHHHHHHSSGLVPRGSHMPFVNKQFNYKDPVNGVDIAYIKIPNAGQMQPVKAFKIHNKIWVIPERDTFTNPEEGDLN
PPPEAKQVPVSYYDSTYLSTDNEKDNYLKGVTKLFERIYSTDLGRMLLTSIVRGIPFWGGSTIDTELKVIDTNSINVIQP
DGSYRSEELNLVIIGPSADIIQFECKSFGHEVLNLTRNGYGSTQYIRFSPDFTFGFEESLEVDTNPLLGAGKFATDPAVT
LAHELIHAGHRLYGIAINPNRVFKVNTNAYYEMSGLEVSFEELRTFGGHDAKFIDSLQENEFRLYYYNKFKDIASTLNKA
KSIVGTTASLQYMKNVFKEKYLLSEDTSGKFSVDKLKFDKLYKMLTEIYTEDNFVKFFKVLNRKTYLNFDKAVFKINIVP
KVNYTIYDGFNLRNTNLAANFNGQNTEINNMNFTKLKNFTGLFEF
;
A
2 'polypeptide(L)' (MPT)(DPP)RGL(NH2) B
#
loop_
_chem_comp.id
_chem_comp.type
_chem_comp.name
_chem_comp.formula
GOL non-polymer GLYCEROL 'C3 H8 O3'
MPT non-polymer 'BETA-MERCAPTOPROPIONIC ACID' 'C3 H6 O2 S'
NH2 non-polymer 'AMINO GROUP' 'H2 N'
PGO non-polymer S-1,2-PROPANEDIOL 'C3 H8 O2'
SO4 non-polymer 'SULFATE ION' 'O4 S -2'
ZN non-polymer 'ZINC ION' 'Zn 2'
#
# COMPACT_ATOMS: atom_id res chain seq x y z
N GLY A 18 -3.69 17.24 -9.13
CA GLY A 18 -5.12 17.40 -9.00
C GLY A 18 -5.66 17.34 -7.58
N SER A 19 -5.07 18.17 -6.70
CA SER A 19 -5.50 18.35 -5.30
C SER A 19 -6.42 19.57 -5.07
N HIS A 20 -6.89 20.20 -6.14
CA HIS A 20 -7.73 21.40 -6.04
C HIS A 20 -8.85 21.22 -5.01
N MET A 21 -9.45 20.03 -4.98
CA MET A 21 -10.27 19.60 -3.86
C MET A 21 -9.52 18.49 -3.12
N PRO A 22 -9.19 18.73 -1.85
CA PRO A 22 -8.33 17.83 -1.07
C PRO A 22 -8.87 16.41 -0.99
N PHE A 23 -8.01 15.45 -0.73
CA PHE A 23 -8.45 14.06 -0.69
C PHE A 23 -9.17 13.80 0.62
N VAL A 24 -8.63 14.31 1.71
CA VAL A 24 -9.35 14.26 2.98
C VAL A 24 -9.95 15.62 3.26
N ASN A 25 -11.27 15.72 3.18
CA ASN A 25 -11.91 17.02 3.27
C ASN A 25 -12.20 17.42 4.70
N LYS A 26 -11.78 16.59 5.64
CA LYS A 26 -12.05 16.86 7.03
C LYS A 26 -10.79 16.98 7.90
N GLN A 27 -10.82 17.98 8.79
CA GLN A 27 -9.84 18.08 9.85
C GLN A 27 -10.23 17.08 10.95
N PHE A 28 -9.33 16.16 11.27
CA PHE A 28 -9.62 14.96 12.06
C PHE A 28 -8.84 14.93 13.36
N ASN A 29 -9.43 14.86 14.54
CA ASN A 29 -8.47 14.53 15.57
C ASN A 29 -8.92 13.31 16.35
N TYR A 30 -7.98 12.49 16.79
CA TYR A 30 -8.32 11.20 17.37
C TYR A 30 -9.41 11.19 18.47
N LYS A 31 -9.46 12.30 19.21
CA LYS A 31 -10.30 12.42 20.40
C LYS A 31 -11.77 12.76 20.08
N ASP A 32 -12.03 13.10 18.82
CA ASP A 32 -13.39 13.39 18.39
C ASP A 32 -14.39 12.27 18.68
N PRO A 33 -15.59 12.65 19.14
CA PRO A 33 -16.63 11.71 19.54
C PRO A 33 -17.06 10.86 18.37
N VAL A 34 -17.10 9.54 18.55
CA VAL A 34 -17.49 8.68 17.46
C VAL A 34 -18.93 8.98 17.11
N ASN A 35 -19.16 9.18 15.82
CA ASN A 35 -20.48 9.39 15.23
C ASN A 35 -21.13 8.15 14.59
N GLY A 36 -20.41 7.03 14.59
CA GLY A 36 -20.87 5.86 13.87
C GLY A 36 -20.86 5.96 12.36
N VAL A 37 -20.26 7.01 11.79
CA VAL A 37 -20.20 7.10 10.33
C VAL A 37 -18.76 7.12 9.81
N ASP A 38 -18.10 8.28 9.89
CA ASP A 38 -16.69 8.31 9.52
C ASP A 38 -15.77 8.15 10.71
N ILE A 39 -16.32 8.22 11.92
CA ILE A 39 -15.55 7.95 13.12
C ILE A 39 -16.35 6.93 13.92
N ALA A 40 -15.87 5.70 13.96
CA ALA A 40 -16.66 4.64 14.57
C ALA A 40 -15.81 3.48 15.05
N TYR A 41 -16.25 2.83 16.12
CA TYR A 41 -15.71 1.54 16.46
C TYR A 41 -16.17 0.62 15.38
N ILE A 42 -15.29 -0.25 14.95
CA ILE A 42 -15.58 -1.14 13.84
C ILE A 42 -14.91 -2.46 14.09
N LYS A 43 -15.26 -3.45 13.31
CA LYS A 43 -14.59 -4.71 13.40
C LYS A 43 -14.23 -5.21 12.04
N ILE A 44 -13.08 -5.84 11.93
CA ILE A 44 -12.68 -6.46 10.67
C ILE A 44 -13.11 -7.92 10.61
N PRO A 45 -13.41 -8.41 9.40
CA PRO A 45 -13.83 -9.78 9.13
C PRO A 45 -12.90 -10.84 9.65
N ASN A 46 -13.52 -11.90 10.15
CA ASN A 46 -12.83 -13.09 10.63
C ASN A 46 -11.88 -12.80 11.78
N ALA A 47 -12.13 -11.69 12.44
CA ALA A 47 -11.83 -11.54 13.84
C ALA A 47 -13.18 -11.35 14.48
N GLY A 48 -13.64 -12.37 15.22
CA GLY A 48 -14.85 -12.23 16.00
C GLY A 48 -14.41 -11.88 17.39
N GLN A 49 -13.14 -12.14 17.63
CA GLN A 49 -12.52 -11.96 18.93
C GLN A 49 -12.47 -10.49 19.37
N MET A 50 -11.92 -9.66 18.50
CA MET A 50 -11.40 -8.36 18.88
C MET A 50 -12.41 -7.43 19.51
N GLN A 51 -11.97 -6.69 20.52
CA GLN A 51 -12.67 -5.49 20.92
C GLN A 51 -12.76 -4.58 19.72
N PRO A 52 -13.91 -3.90 19.55
CA PRO A 52 -14.07 -2.95 18.46
C PRO A 52 -12.98 -1.90 18.48
N VAL A 53 -12.54 -1.48 17.32
CA VAL A 53 -11.46 -0.53 17.25
C VAL A 53 -11.85 0.82 16.62
N LYS A 54 -11.41 1.91 17.23
CA LYS A 54 -11.76 3.22 16.72
C LYS A 54 -10.98 3.47 15.46
N ALA A 55 -11.74 3.65 14.39
CA ALA A 55 -11.18 3.86 13.08
C ALA A 55 -11.78 5.14 12.50
N PHE A 56 -11.28 5.52 11.33
CA PHE A 56 -11.62 6.79 10.68
C PHE A 56 -11.72 6.59 9.18
N LYS A 57 -12.82 7.02 8.59
CA LYS A 57 -12.92 6.95 7.16
C LYS A 57 -12.47 8.30 6.61
N ILE A 58 -11.28 8.33 6.01
CA ILE A 58 -10.70 9.57 5.53
C ILE A 58 -11.08 9.90 4.09
N HIS A 59 -11.58 8.90 3.37
CA HIS A 59 -12.14 9.09 2.05
C HIS A 59 -13.00 7.88 1.74
N ASN A 60 -13.89 8.03 0.76
CA ASN A 60 -14.72 6.97 0.26
C ASN A 60 -13.91 5.72 -0.07
N LYS A 61 -14.36 4.58 0.46
CA LYS A 61 -13.73 3.28 0.29
C LYS A 61 -12.41 3.11 1.06
N ILE A 62 -11.95 4.15 1.73
CA ILE A 62 -10.65 4.10 2.41
C ILE A 62 -10.75 4.48 3.88
N TRP A 63 -10.31 3.55 4.74
CA TRP A 63 -10.34 3.74 6.19
C TRP A 63 -8.96 3.72 6.82
N VAL A 64 -8.85 4.33 8.00
CA VAL A 64 -7.61 4.43 8.76
C VAL A 64 -7.78 4.04 10.22
N ILE A 65 -6.89 3.17 10.69
CA ILE A 65 -7.00 2.59 12.02
C ILE A 65 -5.75 2.87 12.79
N PRO A 66 -5.74 3.99 13.51
CA PRO A 66 -4.53 4.41 14.20
C PRO A 66 -4.24 3.55 15.43
N GLU A 67 -4.24 2.24 15.26
CA GLU A 67 -3.80 1.35 16.32
C GLU A 67 -2.81 0.45 15.64
N ARG A 68 -1.93 -0.15 16.41
CA ARG A 68 -1.03 -1.13 15.86
C ARG A 68 -1.74 -2.43 15.61
N ASP A 69 -1.29 -3.16 14.61
CA ASP A 69 -2.08 -4.26 14.16
C ASP A 69 -1.68 -5.49 14.95
N THR A 70 -2.55 -5.83 15.89
CA THR A 70 -2.60 -7.12 16.56
C THR A 70 -3.71 -8.02 16.02
N PHE A 71 -4.46 -7.55 15.02
CA PHE A 71 -5.74 -8.18 14.64
C PHE A 71 -5.67 -9.08 13.43
N THR A 72 -5.38 -8.48 12.28
CA THR A 72 -5.53 -9.14 10.99
C THR A 72 -4.91 -10.53 10.96
N ASN A 73 -3.72 -10.65 11.54
CA ASN A 73 -2.98 -11.90 11.57
C ASN A 73 -2.98 -12.53 12.97
N PRO A 74 -3.35 -13.81 13.06
CA PRO A 74 -3.28 -14.58 14.32
C PRO A 74 -1.87 -14.68 14.93
N GLU A 75 -0.83 -14.74 14.08
CA GLU A 75 0.52 -15.10 14.52
C GLU A 75 1.20 -14.07 15.43
N GLU A 76 1.16 -12.81 15.01
CA GLU A 76 1.53 -11.67 15.87
C GLU A 76 0.30 -11.33 16.71
N GLY A 77 0.27 -10.15 17.32
CA GLY A 77 -0.66 -9.91 18.39
C GLY A 77 0.05 -9.76 19.71
N ASP A 78 1.37 -9.81 19.67
CA ASP A 78 2.15 -9.27 20.78
C ASP A 78 3.32 -8.41 20.30
N LEU A 79 3.33 -7.16 20.71
CA LEU A 79 4.31 -6.18 20.25
C LEU A 79 5.62 -6.28 21.02
N ASN A 80 5.66 -7.22 21.95
CA ASN A 80 6.87 -7.45 22.73
C ASN A 80 8.01 -7.90 21.82
N PRO A 81 9.22 -7.34 22.04
CA PRO A 81 10.43 -7.73 21.31
C PRO A 81 10.87 -9.15 21.63
N PRO A 82 11.18 -9.95 20.60
CA PRO A 82 11.68 -11.32 20.80
C PRO A 82 13.06 -11.31 21.46
N PRO A 83 13.66 -12.49 21.72
CA PRO A 83 15.02 -12.50 22.25
C PRO A 83 16.01 -11.82 21.29
N GLU A 84 17.14 -11.32 21.79
CA GLU A 84 18.03 -10.58 20.92
C GLU A 84 18.90 -11.49 20.05
N ALA A 85 19.04 -12.75 20.45
CA ALA A 85 19.73 -13.71 19.60
C ALA A 85 18.83 -14.08 18.44
N LYS A 86 17.53 -13.84 18.63
CA LYS A 86 16.49 -14.04 17.62
C LYS A 86 16.55 -13.00 16.50
N GLN A 87 16.57 -11.74 16.91
CA GLN A 87 16.34 -10.61 16.01
C GLN A 87 17.37 -10.43 14.90
N VAL A 88 16.89 -10.16 13.70
CA VAL A 88 17.76 -9.78 12.60
C VAL A 88 17.95 -8.25 12.65
N PRO A 89 19.14 -7.78 12.24
CA PRO A 89 19.53 -6.36 12.22
C PRO A 89 18.51 -5.42 11.59
N VAL A 90 17.81 -5.93 10.59
CA VAL A 90 16.86 -5.15 9.81
C VAL A 90 15.47 -5.23 10.44
N SER A 91 15.40 -5.78 11.64
CA SER A 91 14.22 -5.65 12.49
C SER A 91 14.31 -4.50 13.52
N TYR A 92 13.20 -3.82 13.80
CA TYR A 92 13.14 -2.86 14.91
C TYR A 92 11.86 -2.93 15.71
N TYR A 93 12.01 -3.02 17.03
CA TYR A 93 10.89 -3.25 17.93
C TYR A 93 10.67 -2.15 18.97
N ASP A 94 9.49 -1.56 18.97
CA ASP A 94 9.07 -0.71 20.08
C ASP A 94 7.63 -1.02 20.48
N SER A 95 7.43 -1.57 21.68
CA SER A 95 6.10 -2.04 22.05
C SER A 95 5.19 -0.90 22.47
N THR A 96 5.78 0.24 22.80
CA THR A 96 4.99 1.36 23.31
C THR A 96 4.49 2.27 22.19
N TYR A 97 4.99 2.08 20.97
CA TYR A 97 4.63 2.99 19.88
C TYR A 97 3.15 2.86 19.58
N LEU A 98 2.50 3.99 19.32
CA LEU A 98 1.06 4.05 19.04
C LEU A 98 0.17 3.82 20.26
N SER A 99 0.74 3.61 21.45
CA SER A 99 -0.07 3.29 22.62
C SER A 99 -0.89 4.45 23.21
N THR A 100 -0.47 5.70 22.98
CA THR A 100 -1.15 6.83 23.62
C THR A 100 -2.02 7.58 22.61
N ASP A 101 -2.70 8.63 23.07
CA ASP A 101 -3.64 9.35 22.22
C ASP A 101 -2.96 10.33 21.26
N ASN A 102 -2.26 11.36 21.75
CA ASN A 102 -1.55 12.28 20.84
C ASN A 102 -0.68 11.55 19.82
N GLU A 103 -0.15 10.40 20.23
CA GLU A 103 0.50 9.50 19.30
C GLU A 103 -0.43 9.06 18.17
N LYS A 104 -1.63 8.65 18.53
CA LYS A 104 -2.57 8.18 17.51
C LYS A 104 -3.15 9.37 16.79
N ASP A 105 -3.24 10.49 17.51
CA ASP A 105 -3.54 11.76 16.90
C ASP A 105 -2.47 12.09 15.88
N ASN A 106 -1.19 11.91 16.21
CA ASN A 106 -0.14 12.28 15.27
C ASN A 106 -0.27 11.45 14.01
N TYR A 107 -0.64 10.18 14.21
CA TYR A 107 -0.67 9.17 13.18
C TYR A 107 -1.70 9.58 12.14
N LEU A 108 -2.90 9.92 12.60
CA LEU A 108 -3.96 10.39 11.71
C LEU A 108 -3.50 11.59 10.93
N LYS A 109 -2.75 12.46 11.58
CA LYS A 109 -2.40 13.73 10.99
C LYS A 109 -1.33 13.50 9.93
N GLY A 110 -0.42 12.59 10.26
CA GLY A 110 0.63 12.23 9.34
C GLY A 110 0.09 11.52 8.12
N VAL A 111 -0.70 10.47 8.35
CA VAL A 111 -1.21 9.66 7.23
C VAL A 111 -2.00 10.55 6.28
N THR A 112 -2.85 11.40 6.85
CA THR A 112 -3.64 12.37 6.09
C THR A 112 -2.81 13.22 5.16
N LYS A 113 -1.81 13.90 5.72
CA LYS A 113 -0.91 14.76 4.97
C LYS A 113 -0.37 13.99 3.80
N LEU A 114 0.36 12.92 4.12
CA LEU A 114 0.96 12.03 3.12
C LEU A 114 0.02 11.60 1.98
N PHE A 115 -1.25 11.35 2.26
CA PHE A 115 -2.22 11.19 1.17
C PHE A 115 -2.33 12.48 0.35
N GLU A 116 -2.60 13.60 1.01
CA GLU A 116 -2.71 14.89 0.33
C GLU A 116 -1.50 15.16 -0.53
N ARG A 117 -0.33 14.83 -0.01
CA ARG A 117 0.89 14.99 -0.79
C ARG A 117 0.80 14.18 -2.08
N ILE A 118 0.54 12.87 -1.94
CA ILE A 118 0.35 11.97 -3.05
C ILE A 118 -0.70 12.54 -3.97
N TYR A 119 -1.76 13.07 -3.40
CA TYR A 119 -2.87 13.55 -4.23
C TYR A 119 -2.61 14.88 -4.99
N SER A 120 -1.57 15.63 -4.65
CA SER A 120 -1.34 16.87 -5.37
C SER A 120 -0.45 16.66 -6.59
N THR A 121 0.16 15.48 -6.71
CA THR A 121 0.81 15.09 -7.96
C THR A 121 -0.22 14.53 -8.95
N ASP A 122 0.00 14.75 -10.24
CA ASP A 122 -0.93 14.20 -11.22
C ASP A 122 -0.95 12.68 -11.15
N LEU A 123 0.21 12.11 -10.83
CA LEU A 123 0.37 10.66 -10.73
C LEU A 123 -0.42 10.13 -9.55
N GLY A 124 -0.28 10.80 -8.40
CA GLY A 124 -1.01 10.46 -7.21
C GLY A 124 -2.50 10.51 -7.42
N ARG A 125 -2.96 11.57 -8.10
N ARG A 125 -2.96 11.55 -8.10
CA ARG A 125 -4.36 11.76 -8.43
CA ARG A 125 -4.39 11.71 -8.37
C ARG A 125 -4.88 10.62 -9.30
C ARG A 125 -4.91 10.63 -9.32
N MET A 126 -4.10 10.29 -10.33
CA MET A 126 -4.43 9.17 -11.20
C MET A 126 -4.57 7.92 -10.36
N LEU A 127 -3.46 7.51 -9.74
CA LEU A 127 -3.40 6.29 -8.94
C LEU A 127 -4.56 6.14 -7.97
N LEU A 128 -4.68 7.08 -7.04
CA LEU A 128 -5.73 7.05 -6.04
C LEU A 128 -7.13 6.87 -6.66
N THR A 129 -7.35 7.41 -7.86
CA THR A 129 -8.64 7.27 -8.50
C THR A 129 -8.92 5.83 -8.85
N SER A 130 -7.87 5.13 -9.28
CA SER A 130 -7.95 3.72 -9.60
C SER A 130 -8.28 2.91 -8.37
N ILE A 131 -7.67 3.31 -7.25
CA ILE A 131 -7.82 2.61 -5.96
C ILE A 131 -9.23 2.71 -5.36
N VAL A 132 -9.88 3.85 -5.58
CA VAL A 132 -11.27 4.06 -5.20
C VAL A 132 -12.20 3.29 -6.11
N ARG A 133 -11.99 3.44 -7.40
CA ARG A 133 -12.74 2.70 -8.40
C ARG A 133 -12.49 1.20 -8.37
N GLY A 134 -11.56 0.78 -7.53
CA GLY A 134 -10.97 -0.54 -7.57
C GLY A 134 -11.71 -1.61 -6.79
N ILE A 135 -13.01 -1.44 -6.63
CA ILE A 135 -13.81 -2.30 -5.78
C ILE A 135 -13.64 -3.81 -6.02
N PRO A 136 -13.41 -4.57 -4.95
CA PRO A 136 -13.37 -6.05 -5.04
C PRO A 136 -14.61 -6.66 -5.70
N PHE A 137 -14.36 -7.53 -6.65
CA PHE A 137 -15.41 -8.14 -7.45
C PHE A 137 -16.38 -8.89 -6.52
N TRP A 138 -17.64 -9.03 -6.93
CA TRP A 138 -18.56 -9.71 -6.05
C TRP A 138 -18.61 -11.15 -6.52
N GLY A 139 -17.85 -11.97 -5.81
CA GLY A 139 -17.68 -13.37 -6.15
C GLY A 139 -18.22 -14.40 -5.19
N GLY A 140 -18.94 -13.95 -4.17
CA GLY A 140 -19.17 -14.78 -2.99
C GLY A 140 -19.95 -16.05 -3.23
N SER A 141 -20.84 -16.02 -4.21
CA SER A 141 -21.81 -17.09 -4.39
C SER A 141 -21.17 -18.39 -4.85
N THR A 142 -21.81 -19.48 -4.48
CA THR A 142 -21.49 -20.78 -5.04
C THR A 142 -22.27 -20.92 -6.35
N ILE A 143 -23.25 -20.04 -6.53
CA ILE A 143 -24.13 -20.00 -7.70
C ILE A 143 -23.59 -19.04 -8.76
N ASP A 144 -23.21 -19.58 -9.92
CA ASP A 144 -22.50 -18.81 -10.95
C ASP A 144 -23.31 -17.68 -11.60
N THR A 145 -24.64 -17.82 -11.58
CA THR A 145 -25.56 -16.80 -12.10
C THR A 145 -26.05 -15.84 -11.01
N GLU A 146 -25.50 -15.96 -9.80
CA GLU A 146 -25.85 -15.09 -8.67
C GLU A 146 -24.75 -14.11 -8.28
N LEU A 147 -25.08 -12.82 -8.21
CA LEU A 147 -24.10 -11.81 -7.78
C LEU A 147 -24.06 -11.62 -6.26
N LYS A 148 -22.89 -11.89 -5.69
CA LYS A 148 -22.66 -12.02 -4.25
C LYS A 148 -21.38 -11.31 -3.84
N VAL A 149 -21.44 -10.31 -2.97
CA VAL A 149 -20.18 -9.72 -2.54
C VAL A 149 -19.51 -10.63 -1.52
N ILE A 150 -18.19 -10.79 -1.66
CA ILE A 150 -17.34 -11.49 -0.70
C ILE A 150 -17.20 -10.71 0.61
N ASP A 151 -17.51 -11.37 1.72
CA ASP A 151 -17.65 -10.69 3.00
C ASP A 151 -16.33 -10.37 3.71
N THR A 152 -15.23 -10.87 3.15
CA THR A 152 -13.90 -10.54 3.64
C THR A 152 -13.53 -9.13 3.17
N ASN A 153 -14.32 -8.65 2.22
CA ASN A 153 -14.16 -7.38 1.54
C ASN A 153 -14.89 -6.27 2.29
N SER A 154 -15.36 -6.59 3.50
CA SER A 154 -16.22 -5.69 4.27
C SER A 154 -15.58 -5.29 5.58
N ILE A 155 -16.10 -4.24 6.20
CA ILE A 155 -15.80 -4.01 7.60
C ILE A 155 -17.14 -3.96 8.28
N ASN A 156 -17.16 -4.13 9.60
CA ASN A 156 -18.41 -4.08 10.33
C ASN A 156 -18.34 -2.96 11.33
N VAL A 157 -19.25 -2.02 11.17
CA VAL A 157 -19.17 -0.73 11.81
C VAL A 157 -20.27 -0.61 12.82
N ILE A 158 -19.98 -0.02 13.98
CA ILE A 158 -20.99 0.13 15.02
C ILE A 158 -21.72 1.45 14.90
N GLN A 159 -23.00 1.32 14.53
CA GLN A 159 -23.88 2.45 14.25
C GLN A 159 -24.24 3.15 15.56
N PRO A 160 -24.72 4.40 15.47
CA PRO A 160 -24.99 5.18 16.69
C PRO A 160 -25.91 4.48 17.70
N ASP A 161 -26.75 3.57 17.22
CA ASP A 161 -27.63 2.81 18.12
C ASP A 161 -26.88 1.68 18.83
N GLY A 162 -25.82 1.17 18.19
CA GLY A 162 -25.14 -0.01 18.71
C GLY A 162 -25.33 -1.25 17.86
N SER A 163 -26.18 -1.15 16.85
CA SER A 163 -26.33 -2.20 15.85
C SER A 163 -25.14 -2.22 14.89
N TYR A 164 -24.84 -3.40 14.33
CA TYR A 164 -23.75 -3.55 13.36
C TYR A 164 -24.25 -3.39 11.92
N ARG A 165 -23.46 -2.70 11.11
CA ARG A 165 -23.75 -2.50 9.70
C ARG A 165 -22.56 -2.98 8.90
N SER A 166 -22.81 -3.70 7.81
CA SER A 166 -21.72 -4.17 7.00
C SER A 166 -21.39 -3.15 5.92
N GLU A 167 -20.10 -2.84 5.79
CA GLU A 167 -19.65 -1.75 4.91
C GLU A 167 -18.43 -2.15 4.09
N GLU A 168 -18.59 -2.02 2.79
CA GLU A 168 -17.62 -2.47 1.81
C GLU A 168 -16.52 -1.45 1.62
N LEU A 169 -15.27 -1.90 1.54
CA LEU A 169 -14.17 -0.97 1.32
C LEU A 169 -13.07 -1.56 0.46
N ASN A 170 -12.02 -0.78 0.32
CA ASN A 170 -10.92 -1.02 -0.59
C ASN A 170 -9.63 -1.03 0.19
N LEU A 171 -9.34 0.09 0.84
CA LEU A 171 -8.09 0.25 1.57
C LEU A 171 -8.24 0.51 3.08
N VAL A 172 -7.34 -0.06 3.86
CA VAL A 172 -7.18 0.30 5.28
C VAL A 172 -5.75 0.61 5.63
N ILE A 173 -5.48 1.83 6.07
CA ILE A 173 -4.16 2.15 6.58
C ILE A 173 -4.17 1.85 8.06
N ILE A 174 -3.32 0.92 8.47
CA ILE A 174 -3.27 0.53 9.87
C ILE A 174 -1.86 0.74 10.40
N GLY A 175 -1.73 0.84 11.72
CA GLY A 175 -0.42 0.96 12.32
C GLY A 175 0.37 -0.32 12.15
N PRO A 176 1.61 -0.32 12.63
CA PRO A 176 2.47 -1.49 12.48
C PRO A 176 2.12 -2.67 13.36
N SER A 177 3.03 -3.62 13.32
CA SER A 177 3.00 -4.85 14.08
C SER A 177 4.20 -4.82 15.00
N ALA A 178 4.48 -5.94 15.66
CA ALA A 178 5.66 -6.08 16.51
C ALA A 178 6.93 -5.55 15.82
N ASP A 179 7.14 -5.90 14.55
CA ASP A 179 8.28 -5.35 13.84
C ASP A 179 7.89 -4.16 12.99
N ILE A 180 8.36 -2.99 13.41
CA ILE A 180 7.98 -1.72 12.83
C ILE A 180 8.55 -1.55 11.43
N ILE A 181 9.78 -1.97 11.25
CA ILE A 181 10.48 -1.87 9.98
C ILE A 181 10.36 -3.10 9.08
N GLN A 182 9.48 -4.05 9.41
CA GLN A 182 9.49 -5.32 8.67
C GLN A 182 9.41 -5.11 7.17
N PHE A 183 10.41 -5.67 6.51
CA PHE A 183 10.73 -5.39 5.12
C PHE A 183 10.15 -6.41 4.17
N GLU A 184 9.48 -7.39 4.75
CA GLU A 184 8.85 -8.45 3.99
C GLU A 184 7.71 -8.95 4.83
N CYS A 185 6.75 -9.60 4.20
CA CYS A 185 5.67 -10.22 4.94
C CYS A 185 6.11 -11.65 5.21
N LYS A 186 5.75 -12.17 6.38
CA LYS A 186 5.72 -13.60 6.63
C LYS A 186 4.26 -14.07 6.73
N SER A 187 3.35 -13.11 6.65
CA SER A 187 1.95 -13.29 7.04
C SER A 187 1.04 -14.26 6.27
N PHE A 188 1.13 -14.28 4.95
CA PHE A 188 0.07 -14.84 4.13
C PHE A 188 0.38 -16.19 3.48
N GLY A 189 -0.45 -17.20 3.77
CA GLY A 189 -0.25 -18.53 3.21
C GLY A 189 -1.45 -19.31 2.67
N HIS A 190 -2.30 -19.81 3.55
CA HIS A 190 -3.47 -20.60 3.16
C HIS A 190 -4.68 -19.71 3.03
N GLU A 191 -4.49 -18.42 3.21
CA GLU A 191 -5.59 -17.48 3.02
C GLU A 191 -5.99 -17.64 1.57
N VAL A 192 -7.29 -17.78 1.32
CA VAL A 192 -7.75 -18.05 -0.02
C VAL A 192 -7.90 -16.73 -0.74
N LEU A 193 -6.79 -16.25 -1.28
CA LEU A 193 -6.77 -14.98 -1.95
C LEU A 193 -6.09 -15.08 -3.31
N ASN A 194 -6.75 -15.75 -4.25
CA ASN A 194 -6.30 -15.74 -5.59
C ASN A 194 -6.99 -14.47 -6.04
N LEU A 195 -7.72 -13.89 -5.08
CA LEU A 195 -8.41 -12.63 -5.25
C LEU A 195 -7.43 -11.57 -5.73
N THR A 196 -6.19 -11.63 -5.24
CA THR A 196 -5.15 -10.76 -5.76
C THR A 196 -4.54 -11.23 -7.09
N ARG A 197 -4.47 -12.53 -7.34
CA ARG A 197 -4.01 -12.99 -8.65
C ARG A 197 -5.07 -13.43 -9.67
N ASN A 198 -6.35 -13.48 -9.29
CA ASN A 198 -7.41 -13.94 -10.21
C ASN A 198 -8.23 -12.84 -10.87
N GLY A 199 -7.87 -11.58 -10.62
CA GLY A 199 -8.55 -10.46 -11.23
C GLY A 199 -9.68 -9.91 -10.38
N TYR A 200 -10.04 -10.63 -9.33
CA TYR A 200 -11.13 -10.24 -8.45
C TYR A 200 -10.79 -9.02 -7.63
N GLY A 201 -9.66 -9.11 -6.96
CA GLY A 201 -9.23 -8.08 -6.05
C GLY A 201 -9.83 -8.37 -4.69
N SER A 202 -9.12 -7.95 -3.67
CA SER A 202 -9.63 -8.05 -2.33
C SER A 202 -9.27 -6.79 -1.60
N THR A 203 -9.91 -6.57 -0.47
CA THR A 203 -9.64 -5.34 0.23
C THR A 203 -8.27 -5.41 0.84
N GLN A 204 -7.43 -4.44 0.48
CA GLN A 204 -6.05 -4.43 0.93
C GLN A 204 -5.92 -3.84 2.32
N TYR A 205 -4.98 -4.37 3.11
CA TYR A 205 -4.63 -3.81 4.41
C TYR A 205 -3.18 -3.35 4.43
N ILE A 206 -2.96 -2.05 4.51
CA ILE A 206 -1.59 -1.53 4.51
C ILE A 206 -1.18 -1.27 5.94
N ARG A 207 -0.01 -1.79 6.33
CA ARG A 207 0.56 -1.41 7.62
C ARG A 207 1.53 -0.28 7.36
N PHE A 208 1.36 0.85 8.01
CA PHE A 208 2.23 1.99 7.76
C PHE A 208 2.42 2.99 8.91
N SER A 209 3.65 3.49 9.06
CA SER A 209 3.96 4.57 9.99
C SER A 209 4.53 5.84 9.34
N PRO A 210 3.83 6.98 9.47
CA PRO A 210 4.47 8.24 9.08
C PRO A 210 5.68 8.56 9.94
N ASP A 211 5.68 8.04 11.16
CA ASP A 211 6.61 8.45 12.22
C ASP A 211 8.03 7.88 12.08
N PHE A 212 8.25 7.04 11.07
CA PHE A 212 9.56 6.48 10.82
C PHE A 212 9.87 6.55 9.35
N THR A 213 11.16 6.56 9.02
CA THR A 213 11.59 6.40 7.64
C THR A 213 13.04 5.93 7.61
N PHE A 214 13.55 5.69 6.40
CA PHE A 214 14.81 4.96 6.22
C PHE A 214 15.98 5.78 5.66
N GLY A 215 17.18 5.49 6.14
CA GLY A 215 18.38 6.11 5.65
C GLY A 215 18.88 5.38 4.43
N PHE A 216 19.50 6.14 3.53
CA PHE A 216 20.05 5.59 2.32
C PHE A 216 21.16 6.50 1.81
N GLU A 217 21.99 5.97 0.91
CA GLU A 217 23.15 6.67 0.36
C GLU A 217 22.91 7.20 -1.06
N GLU A 218 23.39 8.41 -1.32
CA GLU A 218 23.08 9.10 -2.59
C GLU A 218 23.80 8.53 -3.80
N SER A 219 24.83 7.74 -3.57
CA SER A 219 25.60 7.17 -4.65
C SER A 219 25.31 5.68 -4.82
N LEU A 220 25.17 5.25 -6.07
CA LEU A 220 24.81 3.87 -6.36
C LEU A 220 25.74 2.81 -5.78
N GLU A 221 27.05 3.05 -5.89
CA GLU A 221 28.08 2.09 -5.47
C GLU A 221 28.14 1.85 -3.97
N VAL A 222 27.76 2.86 -3.19
CA VAL A 222 27.63 2.72 -1.75
C VAL A 222 26.28 2.12 -1.31
N ASP A 223 25.23 2.44 -2.07
CA ASP A 223 23.85 2.19 -1.68
C ASP A 223 23.54 0.73 -1.87
N THR A 224 24.21 0.17 -2.86
CA THR A 224 24.08 -1.22 -3.22
C THR A 224 25.17 -2.01 -2.51
N ASN A 225 25.91 -1.33 -1.64
CA ASN A 225 26.91 -2.01 -0.85
C ASN A 225 26.51 -2.17 0.60
N PRO A 226 26.52 -3.43 1.08
CA PRO A 226 26.08 -3.82 2.42
C PRO A 226 26.99 -3.25 3.53
N LEU A 227 28.27 -3.10 3.22
CA LEU A 227 29.25 -2.72 4.23
C LEU A 227 29.50 -1.20 4.31
N LEU A 228 28.82 -0.41 3.47
CA LEU A 228 29.21 0.97 3.31
C LEU A 228 28.14 2.02 3.62
N GLY A 229 28.44 2.91 4.57
CA GLY A 229 27.63 4.12 4.77
C GLY A 229 26.69 4.11 5.96
N ALA A 230 26.37 5.29 6.46
CA ALA A 230 25.39 5.45 7.54
C ALA A 230 23.94 5.86 7.15
N GLY A 231 23.61 6.06 5.88
CA GLY A 231 22.36 6.71 5.53
C GLY A 231 22.20 8.21 5.66
N LYS A 232 23.08 8.93 4.97
CA LYS A 232 23.07 10.38 4.89
C LYS A 232 21.70 10.99 4.53
N PHE A 233 20.90 10.29 3.73
CA PHE A 233 19.68 10.90 3.23
C PHE A 233 18.44 10.19 3.71
N ALA A 234 17.30 10.88 3.72
CA ALA A 234 16.04 10.34 4.23
C ALA A 234 15.05 10.03 3.13
N THR A 235 14.54 8.81 3.13
CA THR A 235 13.46 8.47 2.22
C THR A 235 12.22 9.29 2.63
N ASP A 236 11.50 9.82 1.65
CA ASP A 236 10.30 10.56 1.95
C ASP A 236 9.15 9.57 2.14
N PRO A 237 8.52 9.58 3.34
CA PRO A 237 7.48 8.62 3.65
C PRO A 237 6.38 8.61 2.62
N ALA A 238 6.16 9.72 1.92
CA ALA A 238 5.14 9.78 0.87
C ALA A 238 5.54 8.85 -0.27
N VAL A 239 6.84 8.70 -0.51
CA VAL A 239 7.29 7.73 -1.50
C VAL A 239 7.04 6.31 -0.94
N THR A 240 7.14 6.19 0.37
CA THR A 240 6.93 4.92 1.01
C THR A 240 5.47 4.50 0.97
N LEU A 241 4.57 5.43 1.32
CA LEU A 241 3.15 5.17 1.32
C LEU A 241 2.67 4.85 -0.09
N ALA A 242 3.11 5.67 -1.05
CA ALA A 242 2.71 5.53 -2.43
C ALA A 242 3.01 4.13 -2.98
N HIS A 243 4.17 3.60 -2.58
CA HIS A 243 4.66 2.29 -2.94
C HIS A 243 3.68 1.19 -2.52
N GLU A 244 3.24 1.22 -1.27
CA GLU A 244 2.29 0.23 -0.78
C GLU A 244 0.95 0.35 -1.48
N LEU A 245 0.70 1.55 -2.01
CA LEU A 245 -0.53 1.92 -2.70
C LEU A 245 -0.52 1.37 -4.09
N ILE A 246 0.67 1.26 -4.67
CA ILE A 246 0.82 0.68 -6.00
C ILE A 246 0.70 -0.85 -5.89
N HIS A 247 1.29 -1.42 -4.84
CA HIS A 247 1.04 -2.80 -4.42
C HIS A 247 -0.45 -3.01 -4.28
N ALA A 248 -1.07 -2.07 -3.55
CA ALA A 248 -2.48 -2.18 -3.23
C ALA A 248 -3.31 -2.23 -4.51
N GLY A 249 -2.90 -1.46 -5.52
CA GLY A 249 -3.59 -1.36 -6.79
C GLY A 249 -3.50 -2.60 -7.67
N HIS A 250 -2.37 -3.30 -7.61
CA HIS A 250 -2.26 -4.58 -8.29
C HIS A 250 -3.20 -5.55 -7.61
N ARG A 251 -3.30 -5.42 -6.29
CA ARG A 251 -4.00 -6.38 -5.45
C ARG A 251 -5.50 -6.12 -5.28
N LEU A 252 -5.95 -4.92 -5.64
CA LEU A 252 -7.37 -4.59 -5.78
C LEU A 252 -7.97 -5.05 -7.10
N TYR A 253 -7.15 -5.06 -8.15
CA TYR A 253 -7.58 -5.45 -9.49
C TYR A 253 -7.35 -6.94 -9.80
N GLY A 254 -6.64 -7.62 -8.92
CA GLY A 254 -6.30 -9.00 -9.12
C GLY A 254 -5.16 -9.33 -10.08
N ILE A 255 -4.40 -8.33 -10.48
CA ILE A 255 -3.28 -8.52 -11.38
C ILE A 255 -1.93 -8.64 -10.68
N ALA A 256 -1.96 -8.70 -9.35
CA ALA A 256 -0.74 -9.00 -8.59
C ALA A 256 -0.03 -10.28 -9.05
N ILE A 257 1.30 -10.26 -9.04
CA ILE A 257 2.08 -11.44 -9.34
C ILE A 257 2.37 -12.24 -8.06
N ASN A 258 2.27 -13.56 -8.16
CA ASN A 258 2.56 -14.47 -7.07
C ASN A 258 3.93 -14.19 -6.50
N PRO A 259 4.06 -14.23 -5.17
CA PRO A 259 5.32 -13.98 -4.47
C PRO A 259 6.42 -14.98 -4.79
N ASN A 260 6.09 -16.15 -5.31
CA ASN A 260 7.15 -17.13 -5.46
C ASN A 260 7.80 -17.01 -6.83
N ARG A 261 7.19 -16.24 -7.71
CA ARG A 261 7.94 -15.82 -8.88
C ARG A 261 8.97 -14.82 -8.38
N VAL A 262 10.24 -15.14 -8.56
CA VAL A 262 11.32 -14.34 -7.99
C VAL A 262 12.53 -14.35 -8.87
N PHE A 263 13.32 -13.29 -8.74
CA PHE A 263 14.53 -13.12 -9.52
C PHE A 263 15.69 -13.46 -8.60
N LYS A 264 16.44 -14.51 -8.96
CA LYS A 264 17.69 -14.81 -8.29
C LYS A 264 18.65 -13.73 -8.74
N VAL A 265 19.27 -13.04 -7.81
CA VAL A 265 19.89 -11.77 -8.17
C VAL A 265 21.35 -11.95 -8.57
N ASN A 266 21.64 -11.78 -9.86
CA ASN A 266 23.01 -11.71 -10.36
C ASN A 266 23.50 -10.30 -10.63
N THR A 267 22.65 -9.31 -10.40
CA THR A 267 23.00 -7.93 -10.69
C THR A 267 23.84 -7.36 -9.54
N ASN A 268 23.80 -8.05 -8.41
CA ASN A 268 24.59 -7.62 -7.28
C ASN A 268 25.39 -8.79 -6.70
N ALA A 269 26.69 -8.55 -6.52
CA ALA A 269 27.61 -9.54 -5.99
C ALA A 269 27.17 -9.98 -4.62
N TYR A 270 26.74 -9.03 -3.81
CA TYR A 270 26.41 -9.27 -2.42
C TYR A 270 25.10 -10.04 -2.23
N TYR A 271 24.03 -9.60 -2.90
CA TYR A 271 22.79 -10.37 -3.03
C TYR A 271 23.06 -11.80 -3.52
N GLU A 272 23.84 -11.92 -4.59
CA GLU A 272 24.09 -13.21 -5.26
C GLU A 272 24.89 -14.12 -4.36
N MET A 273 25.89 -13.56 -3.69
CA MET A 273 26.70 -14.28 -2.72
C MET A 273 25.84 -15.05 -1.75
N SER A 274 24.74 -14.43 -1.33
CA SER A 274 23.83 -15.00 -0.35
C SER A 274 22.57 -15.69 -0.88
N GLY A 275 22.44 -15.77 -2.21
CA GLY A 275 21.31 -16.46 -2.81
C GLY A 275 19.97 -15.77 -2.65
N LEU A 276 20.00 -14.50 -2.25
CA LEU A 276 18.80 -13.69 -2.10
C LEU A 276 18.03 -13.63 -3.41
N GLU A 277 16.71 -13.77 -3.31
CA GLU A 277 15.80 -13.69 -4.45
C GLU A 277 14.85 -12.52 -4.22
N VAL A 278 14.27 -12.00 -5.29
CA VAL A 278 13.36 -10.86 -5.18
C VAL A 278 12.12 -11.13 -6.01
N SER A 279 10.95 -10.89 -5.44
CA SER A 279 9.71 -11.18 -6.15
C SER A 279 9.47 -10.19 -7.26
N PHE A 280 8.95 -10.69 -8.37
CA PHE A 280 8.70 -9.89 -9.55
C PHE A 280 7.79 -8.72 -9.21
N GLU A 281 6.80 -9.01 -8.39
CA GLU A 281 5.92 -7.99 -7.88
C GLU A 281 6.69 -6.80 -7.28
N GLU A 282 7.81 -7.07 -6.60
CA GLU A 282 8.62 -5.97 -6.03
C GLU A 282 9.37 -5.18 -7.10
N LEU A 283 9.86 -5.85 -8.13
CA LEU A 283 10.57 -5.22 -9.24
C LEU A 283 9.65 -4.37 -10.09
N ARG A 284 8.48 -4.92 -10.38
CA ARG A 284 7.44 -4.22 -11.09
C ARG A 284 6.99 -2.98 -10.36
N THR A 285 6.84 -3.12 -9.05
CA THR A 285 6.36 -2.04 -8.22
C THR A 285 7.37 -0.90 -8.20
N PHE A 286 8.65 -1.26 -8.20
CA PHE A 286 9.69 -0.23 -8.19
C PHE A 286 9.75 0.48 -9.54
N GLY A 287 9.75 -0.31 -10.62
CA GLY A 287 9.78 0.26 -11.94
C GLY A 287 11.20 0.62 -12.33
N GLY A 288 11.34 1.65 -13.16
CA GLY A 288 12.66 2.09 -13.61
C GLY A 288 13.43 0.99 -14.30
N HIS A 289 14.71 0.91 -13.97
CA HIS A 289 15.62 -0.03 -14.62
C HIS A 289 15.57 -1.39 -13.95
N ASP A 290 14.70 -1.54 -12.95
CA ASP A 290 14.52 -2.80 -12.27
C ASP A 290 13.52 -3.70 -12.99
N ALA A 291 12.75 -3.12 -13.90
CA ALA A 291 11.65 -3.84 -14.53
C ALA A 291 12.07 -4.75 -15.68
N LYS A 292 13.27 -4.51 -16.23
CA LYS A 292 13.83 -5.41 -17.25
C LYS A 292 14.30 -6.74 -16.68
N PHE A 293 14.36 -6.83 -15.35
CA PHE A 293 14.77 -8.05 -14.68
C PHE A 293 13.57 -9.00 -14.56
N ILE A 294 12.39 -8.51 -14.94
CA ILE A 294 11.29 -9.42 -15.19
C ILE A 294 11.37 -9.81 -16.66
N ASP A 295 11.49 -11.11 -16.90
CA ASP A 295 11.76 -11.63 -18.23
C ASP A 295 10.59 -11.35 -19.18
N SER A 296 10.88 -10.69 -20.29
CA SER A 296 9.85 -10.26 -21.25
C SER A 296 9.03 -11.45 -21.75
N LEU A 297 9.73 -12.55 -21.98
CA LEU A 297 9.15 -13.85 -22.25
C LEU A 297 8.04 -14.17 -21.26
N GLN A 298 8.45 -14.29 -20.00
CA GLN A 298 7.55 -14.61 -18.90
C GLN A 298 6.45 -13.57 -18.68
N GLU A 299 6.76 -12.30 -18.91
CA GLU A 299 5.83 -11.24 -18.60
C GLU A 299 4.61 -11.28 -19.49
N ASN A 300 4.82 -11.71 -20.73
CA ASN A 300 3.71 -11.83 -21.66
C ASN A 300 2.77 -12.94 -21.24
N GLU A 301 3.33 -13.94 -20.58
CA GLU A 301 2.58 -15.02 -19.97
C GLU A 301 1.65 -14.50 -18.87
N PHE A 302 2.18 -13.66 -17.98
CA PHE A 302 1.36 -12.98 -16.97
C PHE A 302 0.24 -12.22 -17.65
N ARG A 303 0.61 -11.43 -18.66
CA ARG A 303 -0.33 -10.60 -19.41
C ARG A 303 -1.52 -11.37 -19.89
N LEU A 304 -1.24 -12.46 -20.60
CA LEU A 304 -2.28 -13.27 -21.22
C LEU A 304 -3.17 -13.90 -20.16
N TYR A 305 -2.55 -14.25 -19.04
CA TYR A 305 -3.25 -14.82 -17.91
C TYR A 305 -4.28 -13.85 -17.34
N TYR A 306 -3.84 -12.66 -17.00
CA TYR A 306 -4.73 -11.68 -16.46
C TYR A 306 -5.71 -11.25 -17.53
N TYR A 307 -5.30 -11.23 -18.77
CA TYR A 307 -6.24 -10.96 -19.86
C TYR A 307 -7.33 -12.04 -19.95
N ASN A 308 -6.96 -13.27 -19.64
CA ASN A 308 -7.94 -14.34 -19.63
C ASN A 308 -8.77 -14.29 -18.35
N LYS A 309 -8.10 -13.93 -17.26
CA LYS A 309 -8.78 -13.74 -15.99
C LYS A 309 -9.90 -12.71 -16.10
N PHE A 310 -9.66 -11.66 -16.89
CA PHE A 310 -10.68 -10.67 -17.22
C PHE A 310 -11.83 -11.26 -18.07
N LYS A 311 -11.49 -12.10 -19.03
CA LYS A 311 -12.52 -12.74 -19.84
C LYS A 311 -13.43 -13.63 -19.00
N ASP A 312 -12.95 -14.05 -17.84
CA ASP A 312 -13.79 -14.83 -16.94
C ASP A 312 -14.73 -13.93 -16.16
N ILE A 313 -14.24 -12.77 -15.74
CA ILE A 313 -15.08 -11.83 -15.01
C ILE A 313 -16.12 -11.28 -15.97
N ALA A 314 -15.73 -11.05 -17.21
CA ALA A 314 -16.65 -10.56 -18.23
C ALA A 314 -17.79 -11.56 -18.44
N SER A 315 -17.43 -12.83 -18.62
CA SER A 315 -18.38 -13.92 -18.76
C SER A 315 -19.34 -13.99 -17.58
N THR A 316 -18.76 -14.09 -16.38
CA THR A 316 -19.54 -14.24 -15.16
C THR A 316 -20.56 -13.11 -15.05
N LEU A 317 -20.19 -11.94 -15.54
CA LEU A 317 -21.08 -10.79 -15.55
C LEU A 317 -22.25 -11.00 -16.48
N ASN A 318 -21.99 -11.62 -17.62
CA ASN A 318 -23.03 -11.76 -18.62
C ASN A 318 -24.03 -12.89 -18.30
N LYS A 319 -23.62 -13.82 -17.45
CA LYS A 319 -24.50 -14.91 -17.03
C LYS A 319 -25.50 -14.54 -15.95
N ALA A 320 -25.11 -13.61 -15.08
CA ALA A 320 -25.76 -13.50 -13.80
C ALA A 320 -27.07 -12.76 -13.88
N LYS A 321 -28.15 -13.46 -13.53
N LYS A 321 -28.16 -13.43 -13.54
CA LYS A 321 -29.45 -12.84 -13.39
CA LYS A 321 -29.44 -12.74 -13.40
C LYS A 321 -29.78 -12.54 -11.94
C LYS A 321 -29.75 -12.47 -11.93
N SER A 322 -28.91 -12.98 -11.03
CA SER A 322 -29.25 -12.94 -9.61
C SER A 322 -28.31 -12.11 -8.75
N ILE A 323 -28.91 -11.47 -7.75
CA ILE A 323 -28.22 -10.56 -6.84
C ILE A 323 -28.64 -10.87 -5.40
N VAL A 324 -27.87 -10.38 -4.43
CA VAL A 324 -28.29 -10.41 -3.02
C VAL A 324 -28.48 -8.98 -2.52
N GLY A 325 -29.74 -8.62 -2.25
CA GLY A 325 -30.18 -7.22 -2.20
C GLY A 325 -29.50 -6.26 -1.27
N THR A 326 -29.01 -5.15 -1.81
CA THR A 326 -28.57 -4.14 -0.89
C THR A 326 -29.63 -3.03 -0.86
N THR A 327 -29.58 -2.01 -1.72
CA THR A 327 -30.72 -1.43 -2.42
C THR A 327 -30.63 -1.72 -3.90
N ALA A 328 -29.50 -2.31 -4.27
CA ALA A 328 -28.90 -2.09 -5.58
C ALA A 328 -29.44 -3.06 -6.59
N SER A 329 -29.61 -2.62 -7.81
CA SER A 329 -30.16 -3.50 -8.81
C SER A 329 -29.03 -4.29 -9.44
N LEU A 330 -29.42 -5.19 -10.34
CA LEU A 330 -28.48 -6.01 -11.09
C LEU A 330 -27.62 -5.17 -12.02
N GLN A 331 -28.23 -4.16 -12.63
CA GLN A 331 -27.56 -3.38 -13.65
C GLN A 331 -26.82 -2.14 -13.12
N TYR A 332 -27.02 -1.79 -11.86
CA TYR A 332 -26.24 -0.69 -11.31
C TYR A 332 -24.83 -1.13 -10.95
N MET A 333 -24.74 -2.29 -10.31
CA MET A 333 -23.46 -2.85 -9.92
C MET A 333 -22.73 -3.38 -11.14
N LYS A 334 -23.51 -3.91 -12.07
CA LYS A 334 -23.01 -4.39 -13.35
C LYS A 334 -22.17 -3.32 -14.04
N ASN A 335 -22.66 -2.09 -14.02
CA ASN A 335 -21.89 -1.01 -14.62
C ASN A 335 -20.71 -0.58 -13.75
N VAL A 336 -20.77 -0.88 -12.47
CA VAL A 336 -19.66 -0.52 -11.59
C VAL A 336 -18.41 -1.34 -11.94
N PHE A 337 -18.61 -2.62 -12.24
CA PHE A 337 -17.48 -3.45 -12.66
C PHE A 337 -17.16 -3.30 -14.14
N LYS A 338 -18.12 -2.81 -14.90
CA LYS A 338 -17.85 -2.48 -16.29
C LYS A 338 -16.80 -1.39 -16.32
N GLU A 339 -17.05 -0.33 -15.55
CA GLU A 339 -16.15 0.79 -15.44
C GLU A 339 -14.79 0.37 -14.90
N LYS A 340 -14.79 -0.53 -13.93
CA LYS A 340 -13.53 -0.88 -13.26
C LYS A 340 -12.53 -1.53 -14.20
N TYR A 341 -13.04 -2.45 -15.03
CA TYR A 341 -12.21 -3.21 -15.95
C TYR A 341 -12.18 -2.68 -17.37
N LEU A 342 -12.88 -1.59 -17.64
CA LEU A 342 -12.97 -0.99 -18.98
C LEU A 342 -13.57 -1.92 -20.07
N LEU A 343 -14.74 -2.48 -19.79
CA LEU A 343 -15.34 -3.44 -20.69
C LEU A 343 -16.05 -2.83 -21.88
N SER A 344 -16.18 -3.62 -22.96
CA SER A 344 -16.85 -3.19 -24.17
C SER A 344 -18.21 -3.87 -24.32
N GLU A 345 -19.29 -3.11 -24.16
CA GLU A 345 -20.65 -3.61 -24.36
C GLU A 345 -21.11 -3.45 -25.81
N ASP A 346 -21.87 -4.41 -26.32
CA ASP A 346 -22.41 -4.27 -27.67
C ASP A 346 -23.93 -4.09 -27.68
N THR A 347 -24.49 -4.02 -28.87
CA THR A 347 -25.92 -3.75 -29.09
C THR A 347 -26.84 -4.64 -28.24
N SER A 348 -26.37 -5.87 -27.99
CA SER A 348 -27.16 -6.89 -27.33
C SER A 348 -26.99 -6.87 -25.82
N GLY A 349 -26.26 -5.87 -25.31
CA GLY A 349 -26.15 -5.66 -23.87
C GLY A 349 -25.05 -6.44 -23.18
N LYS A 350 -24.17 -7.06 -23.96
CA LYS A 350 -23.21 -8.03 -23.47
C LYS A 350 -21.81 -7.43 -23.32
N PHE A 351 -21.08 -7.86 -22.29
CA PHE A 351 -19.73 -7.37 -22.05
C PHE A 351 -18.64 -8.25 -22.65
N SER A 352 -17.64 -7.60 -23.23
CA SER A 352 -16.45 -8.30 -23.68
C SER A 352 -15.22 -7.54 -23.20
N VAL A 353 -14.04 -8.10 -23.50
CA VAL A 353 -12.79 -7.45 -23.16
C VAL A 353 -12.09 -6.99 -24.43
N ASP A 354 -12.05 -5.67 -24.62
CA ASP A 354 -11.32 -5.08 -25.73
C ASP A 354 -9.84 -5.16 -25.41
N LYS A 355 -9.08 -5.76 -26.30
CA LYS A 355 -7.69 -6.09 -26.03
C LYS A 355 -6.84 -4.86 -25.90
N LEU A 356 -7.25 -3.79 -26.57
CA LEU A 356 -6.59 -2.51 -26.42
C LEU A 356 -6.76 -1.96 -25.00
N LYS A 357 -8.02 -1.83 -24.57
CA LYS A 357 -8.28 -1.23 -23.27
C LYS A 357 -7.72 -2.10 -22.14
N PHE A 358 -7.59 -3.39 -22.38
CA PHE A 358 -6.97 -4.22 -21.36
C PHE A 358 -5.53 -3.76 -21.17
N ASP A 359 -4.82 -3.54 -22.26
CA ASP A 359 -3.41 -3.22 -22.13
C ASP A 359 -3.26 -1.84 -21.55
N LYS A 360 -4.23 -0.98 -21.87
CA LYS A 360 -4.30 0.37 -21.32
C LYS A 360 -4.24 0.28 -19.80
N LEU A 361 -5.28 -0.32 -19.23
CA LEU A 361 -5.41 -0.61 -17.81
C LEU A 361 -4.18 -1.29 -17.24
N TYR A 362 -3.64 -2.26 -17.97
CA TYR A 362 -2.50 -3.00 -17.47
C TYR A 362 -1.23 -2.17 -17.39
N LYS A 363 -0.91 -1.52 -18.51
CA LYS A 363 0.24 -0.65 -18.61
C LYS A 363 0.16 0.40 -17.50
N MET A 364 -1.04 0.83 -17.19
CA MET A 364 -1.23 1.91 -16.24
C MET A 364 -0.83 1.48 -14.84
N LEU A 365 -1.40 0.37 -14.38
CA LEU A 365 -1.16 -0.10 -13.03
C LEU A 365 0.27 -0.58 -12.80
N THR A 366 0.81 -1.38 -13.73
CA THR A 366 2.10 -2.06 -13.55
C THR A 366 3.33 -1.25 -13.99
N GLU A 367 3.11 -0.20 -14.76
CA GLU A 367 4.17 0.50 -15.47
C GLU A 367 4.15 2.00 -15.17
N ILE A 368 3.05 2.65 -15.50
CA ILE A 368 2.88 4.06 -15.15
C ILE A 368 2.96 4.36 -13.65
N TYR A 369 2.26 3.59 -12.82
CA TYR A 369 2.37 3.84 -11.39
C TYR A 369 3.53 3.03 -10.86
N THR A 370 4.64 3.70 -10.51
CA THR A 370 5.81 3.03 -9.93
C THR A 370 6.58 3.98 -9.03
N GLU A 371 7.29 3.42 -8.06
CA GLU A 371 8.11 4.19 -7.13
C GLU A 371 9.02 5.16 -7.86
N ASP A 372 9.62 4.67 -8.94
CA ASP A 372 10.55 5.47 -9.72
C ASP A 372 9.91 6.77 -10.21
N ASN A 373 8.75 6.64 -10.85
CA ASN A 373 8.03 7.77 -11.37
C ASN A 373 7.50 8.72 -10.29
N PHE A 374 7.09 8.17 -9.15
CA PHE A 374 6.60 8.99 -8.03
C PHE A 374 7.71 9.87 -7.48
N VAL A 375 8.95 9.41 -7.62
CA VAL A 375 10.13 10.16 -7.25
C VAL A 375 10.33 11.33 -8.21
N LYS A 376 9.89 11.14 -9.44
CA LYS A 376 9.99 12.15 -10.47
C LYS A 376 9.06 13.32 -10.16
N PHE A 377 7.87 12.99 -9.67
CA PHE A 377 6.82 13.98 -9.43
C PHE A 377 7.08 14.73 -8.15
N PHE A 378 7.62 14.03 -7.18
CA PHE A 378 7.80 14.56 -5.85
C PHE A 378 9.04 15.44 -5.75
N LYS A 379 9.85 15.45 -6.81
CA LYS A 379 11.14 16.14 -6.84
C LYS A 379 11.99 15.80 -5.58
N VAL A 380 12.14 14.51 -5.30
CA VAL A 380 12.87 14.07 -4.11
C VAL A 380 14.06 13.16 -4.44
N LEU A 381 15.00 13.09 -3.51
CA LEU A 381 16.07 12.11 -3.62
C LEU A 381 15.56 10.73 -3.13
N ASN A 382 16.01 9.66 -3.80
CA ASN A 382 15.46 8.33 -3.52
C ASN A 382 16.44 7.22 -3.96
N ARG A 383 16.30 6.05 -3.38
CA ARG A 383 17.11 4.90 -3.80
C ARG A 383 16.91 4.70 -5.28
N LYS A 384 18.01 4.48 -5.99
CA LYS A 384 17.93 4.35 -7.44
C LYS A 384 17.47 2.94 -7.86
N THR A 385 17.71 1.95 -7.02
CA THR A 385 17.22 0.61 -7.32
C THR A 385 16.60 -0.09 -6.12
N TYR A 386 15.67 -0.99 -6.38
CA TYR A 386 15.10 -1.81 -5.31
C TYR A 386 16.18 -2.72 -4.74
N LEU A 387 17.19 -3.07 -5.55
CA LEU A 387 18.22 -3.90 -4.98
C LEU A 387 19.31 -3.03 -4.40
N ASN A 388 19.29 -2.92 -3.08
CA ASN A 388 20.22 -2.05 -2.40
C ASN A 388 20.20 -2.48 -0.95
N PHE A 389 21.04 -1.85 -0.14
CA PHE A 389 21.15 -2.21 1.26
C PHE A 389 20.85 -1.00 2.13
N ASP A 390 19.82 -1.12 2.96
CA ASP A 390 19.47 -0.06 3.91
C ASP A 390 20.61 0.22 4.90
N LYS A 391 20.68 1.49 5.31
CA LYS A 391 21.72 1.96 6.20
C LYS A 391 21.19 2.13 7.61
N ALA A 392 20.19 2.98 7.73
CA ALA A 392 19.58 3.33 9.02
C ALA A 392 18.03 3.35 8.99
N VAL A 393 17.43 3.44 10.17
CA VAL A 393 16.05 3.90 10.32
C VAL A 393 16.01 5.14 11.24
N PHE A 394 15.24 6.16 10.85
CA PHE A 394 15.07 7.36 11.68
C PHE A 394 13.65 7.52 12.20
N LYS A 395 13.51 8.15 13.37
CA LYS A 395 12.23 8.67 13.82
C LYS A 395 12.00 10.10 13.30
N ILE A 396 10.78 10.39 12.86
CA ILE A 396 10.45 11.66 12.24
C ILE A 396 9.11 12.20 12.71
N ASN A 397 8.90 13.51 12.58
CA ASN A 397 7.55 14.05 12.70
C ASN A 397 7.21 15.04 11.60
N ILE A 398 6.30 14.64 10.74
CA ILE A 398 5.98 15.40 9.55
C ILE A 398 4.74 16.24 9.76
N VAL A 399 4.19 16.16 10.95
CA VAL A 399 3.00 16.90 11.25
C VAL A 399 3.25 18.40 11.34
N PRO A 400 4.24 18.83 12.11
CA PRO A 400 4.41 20.28 12.10
C PRO A 400 4.69 20.76 10.71
N LYS A 401 4.13 21.89 10.34
CA LYS A 401 4.24 22.37 8.98
C LYS A 401 5.64 22.91 8.79
N VAL A 402 6.27 23.17 9.92
CA VAL A 402 7.63 23.67 10.00
C VAL A 402 8.67 22.55 9.79
N ASN A 403 8.26 21.32 10.05
CA ASN A 403 9.07 20.20 9.62
C ASN A 403 8.88 19.86 8.13
N TYR A 404 7.61 19.78 7.73
CA TYR A 404 7.25 19.07 6.49
C TYR A 404 6.00 19.66 5.86
N THR A 405 5.93 19.72 4.55
CA THR A 405 4.73 20.24 3.90
C THR A 405 4.16 19.30 2.84
N ILE A 406 2.91 19.53 2.48
CA ILE A 406 2.27 18.78 1.42
C ILE A 406 2.99 18.94 0.07
N TYR A 407 3.37 20.18 -0.24
CA TYR A 407 4.01 20.48 -1.53
C TYR A 407 5.51 20.17 -1.66
N ASP A 408 6.28 20.58 -0.66
CA ASP A 408 7.74 20.44 -0.65
C ASP A 408 8.33 19.31 0.18
N GLY A 409 7.50 18.48 0.80
CA GLY A 409 8.03 17.47 1.70
C GLY A 409 8.95 17.99 2.80
N PHE A 410 10.11 17.36 2.95
CA PHE A 410 11.14 17.87 3.86
C PHE A 410 11.95 19.01 3.24
N ASN A 411 12.03 19.10 1.91
CA ASN A 411 12.92 20.10 1.36
C ASN A 411 12.12 21.37 1.13
N LEU A 412 12.28 22.30 2.03
CA LEU A 412 11.23 23.30 2.23
C LEU A 412 11.58 24.57 1.51
N ARG A 413 10.66 25.02 0.67
CA ARG A 413 10.88 26.26 -0.04
C ARG A 413 10.99 27.43 0.95
N ASN A 414 11.72 28.46 0.55
CA ASN A 414 11.99 29.64 1.38
C ASN A 414 12.79 29.28 2.62
N THR A 415 13.55 28.19 2.53
CA THR A 415 14.51 27.87 3.59
C THR A 415 15.86 27.51 2.96
N ASN A 416 16.84 27.24 3.80
CA ASN A 416 18.07 26.61 3.36
C ASN A 416 17.89 25.12 2.95
N LEU A 417 16.70 24.55 3.19
CA LEU A 417 16.47 23.15 2.84
C LEU A 417 15.82 22.94 1.45
N ALA A 418 15.57 24.01 0.71
CA ALA A 418 14.84 23.92 -0.57
C ALA A 418 15.64 23.26 -1.69
N ALA A 419 16.95 23.41 -1.62
CA ALA A 419 17.82 23.07 -2.74
C ALA A 419 18.77 21.92 -2.43
N ASN A 420 19.20 21.22 -3.46
CA ASN A 420 20.12 20.10 -3.31
C ASN A 420 19.62 19.04 -2.34
N PHE A 421 18.30 18.91 -2.20
CA PHE A 421 17.73 17.94 -1.27
C PHE A 421 18.28 18.05 0.14
N ASN A 422 18.34 19.27 0.67
CA ASN A 422 18.86 19.49 2.02
C ASN A 422 17.89 19.09 3.13
N GLY A 423 16.61 19.04 2.81
CA GLY A 423 15.62 18.62 3.77
C GLY A 423 15.80 17.15 4.06
N GLN A 424 16.14 16.37 3.03
CA GLN A 424 16.40 14.96 3.23
C GLN A 424 17.82 14.75 3.74
N ASN A 425 18.67 15.76 3.51
CA ASN A 425 20.02 15.75 4.04
C ASN A 425 19.91 15.71 5.56
N THR A 426 20.49 14.69 6.18
CA THR A 426 20.31 14.47 7.61
C THR A 426 21.36 15.09 8.52
N GLU A 427 22.48 15.52 7.96
CA GLU A 427 23.47 16.20 8.80
C GLU A 427 23.23 17.70 8.78
N ILE A 428 22.33 18.12 7.91
CA ILE A 428 21.86 19.49 7.79
C ILE A 428 20.57 19.65 8.58
N ASN A 429 19.59 18.83 8.25
CA ASN A 429 18.25 18.85 8.87
C ASN A 429 18.21 18.03 10.15
N ASN A 430 19.39 17.74 10.71
CA ASN A 430 19.54 16.84 11.86
C ASN A 430 18.54 17.07 12.98
N MET A 431 18.08 18.31 13.11
CA MET A 431 16.95 18.66 13.95
C MET A 431 15.71 17.82 13.67
N ASN A 432 15.55 17.39 12.44
CA ASN A 432 14.34 16.68 12.03
C ASN A 432 14.39 15.14 12.07
N PHE A 433 15.55 14.57 12.41
CA PHE A 433 15.68 13.10 12.53
C PHE A 433 16.44 12.65 13.77
N THR A 434 16.09 11.46 14.24
CA THR A 434 16.78 10.81 15.32
C THR A 434 17.08 9.41 14.84
N LYS A 435 18.35 9.06 14.77
CA LYS A 435 18.68 7.73 14.31
C LYS A 435 18.29 6.73 15.39
N LEU A 436 17.78 5.58 14.97
CA LEU A 436 17.44 4.49 15.88
C LEU A 436 18.43 3.35 15.71
N LYS A 437 18.49 2.77 14.52
CA LYS A 437 19.44 1.69 14.27
C LYS A 437 20.40 2.01 13.12
N ASN A 438 21.61 1.44 13.17
CA ASN A 438 22.43 1.26 11.98
C ASN A 438 22.41 -0.21 11.56
N PHE A 439 22.09 -0.46 10.30
CA PHE A 439 22.10 -1.81 9.74
C PHE A 439 23.45 -2.19 9.11
N THR A 440 24.36 -1.22 8.99
CA THR A 440 25.57 -1.41 8.19
C THR A 440 26.62 -2.30 8.84
N GLY A 441 27.06 -3.31 8.10
CA GLY A 441 28.00 -4.31 8.56
C GLY A 441 27.25 -5.47 9.20
N LEU A 442 26.04 -5.17 9.66
CA LEU A 442 25.22 -6.11 10.43
C LEU A 442 24.61 -7.19 9.55
N PHE A 443 24.65 -6.96 8.23
CA PHE A 443 23.97 -7.83 7.28
C PHE A 443 24.62 -9.20 7.28
N GLU A 444 23.86 -10.18 6.80
CA GLU A 444 24.12 -11.60 7.07
C GLU A 444 25.48 -12.11 6.59
N PHE A 445 26.17 -11.31 5.80
CA PHE A 445 27.50 -11.68 5.30
C PHE A 445 28.48 -12.00 6.41
CA MPT B 1 4.45 -6.19 3.54
C MPT B 1 5.86 -6.08 3.04
O MPT B 1 6.74 -5.65 3.83
CB MPT B 1 4.45 -6.18 5.07
SG MPT B 1 2.98 -7.07 5.65
N DPP B 2 6.03 -4.10 -0.14
CA DPP B 2 7.02 -4.23 0.87
C DPP B 2 8.24 -3.55 0.34
O DPP B 2 8.49 -3.46 -0.87
CB DPP B 2 7.36 -5.71 1.17
NG DPP B 2 6.23 -6.45 1.69
N ARG B 3 9.10 -2.98 1.34
CA ARG B 3 10.29 -2.22 0.98
C ARG B 3 11.51 -3.08 0.60
N GLY B 4 11.67 -4.24 1.24
CA GLY B 4 12.84 -5.08 0.98
C GLY B 4 14.03 -4.70 1.85
N LEU B 5 15.18 -5.33 1.61
CA LEU B 5 16.39 -5.07 2.39
C LEU B 5 17.07 -3.75 2.05
N NH2 B 6 16.75 -3.23 0.87
ZN ZN C . 7.07 -3.60 -1.89
C1 PGO D . 0.97 -16.69 -10.43
C2 PGO D . 0.44 -15.86 -11.59
C3 PGO D . 1.21 -16.20 -12.87
O1 PGO D . 0.09 -17.77 -10.09
O2 PGO D . 0.58 -14.47 -11.29
S SO4 E . 11.75 13.92 15.88
O1 SO4 E . 12.99 14.39 16.50
O2 SO4 E . 10.70 14.92 16.04
O3 SO4 E . 11.36 12.66 16.49
O4 SO4 E . 11.99 13.70 14.45
C1 GOL F . 10.88 -15.16 8.10
O1 GOL F . 10.48 -14.32 7.05
C2 GOL F . 9.90 -16.32 8.31
O2 GOL F . 10.58 -17.41 8.87
C3 GOL F . 9.27 -16.76 6.99
O3 GOL F . 9.83 -17.98 6.59
C1 GOL G . 5.83 -22.19 -19.92
O1 GOL G . 5.22 -22.56 -18.71
C2 GOL G . 5.33 -23.09 -21.05
O2 GOL G . 4.06 -23.61 -20.74
C3 GOL G . 5.26 -22.29 -22.35
O3 GOL G . 6.44 -21.54 -22.51
C1 GOL H . 15.70 -2.37 17.94
O1 GOL H . 16.91 -1.98 18.56
C2 GOL H . 14.69 -2.92 18.94
O2 GOL H . 15.00 -2.54 20.26
C3 GOL H . 14.72 -4.42 18.85
O3 GOL H . 15.10 -4.77 17.54
#